data_3BB6
#
_entry.id   3BB6
#
_cell.length_a   68.943
_cell.length_b   82.472
_cell.length_c   109.924
_cell.angle_alpha   90.00
_cell.angle_beta   90.00
_cell.angle_gamma   90.00
#
_symmetry.space_group_name_H-M   'P 21 21 21'
#
loop_
_entity.id
_entity.type
_entity.pdbx_description
1 polymer 'Uncharacterized protein yeaR'
2 non-polymer 'ZINC ION'
3 water water
#
_entity_poly.entity_id   1
_entity_poly.type   'polypeptide(L)'
_entity_poly.pdbx_seq_one_letter_code
;(MSE)LQIPQNYIHTRSTPFWNKQTAPAGIFERHLDKGTRPGVYPRLSV(MSE)HGAVKYLGYADEHSAEPDQVILIEAG
QFAVFPPEKWHNIEA(MSE)TDDTYFNIDFFVAPEVL(MSE)EGAQQRKVIHNGKLEHHHHHH
;
_entity_poly.pdbx_strand_id   A,B,C,D
#
# COMPACT_ATOMS: atom_id res chain seq x y z
N LEU A 2 -1.38 -13.06 -20.35
CA LEU A 2 -1.96 -11.73 -20.22
C LEU A 2 -0.88 -10.89 -19.54
N GLN A 3 -0.75 -9.65 -19.96
CA GLN A 3 0.23 -8.76 -19.36
C GLN A 3 -0.53 -7.52 -18.92
N ILE A 4 -0.12 -6.93 -17.82
CA ILE A 4 -0.78 -5.74 -17.33
C ILE A 4 0.08 -4.56 -17.77
N PRO A 5 -0.53 -3.59 -18.48
CA PRO A 5 0.19 -2.41 -18.97
C PRO A 5 1.03 -1.73 -17.88
N GLN A 6 2.16 -1.17 -18.29
CA GLN A 6 3.09 -0.48 -17.39
C GLN A 6 2.51 0.67 -16.56
N ASN A 7 1.50 1.35 -17.10
CA ASN A 7 0.90 2.49 -16.38
C ASN A 7 -0.15 2.10 -15.35
N TYR A 8 -0.55 0.84 -15.28
CA TYR A 8 -1.57 0.43 -14.32
C TYR A 8 -1.14 0.61 -12.87
N ILE A 9 -2.12 0.77 -11.98
CA ILE A 9 -1.87 1.02 -10.56
C ILE A 9 -2.20 -0.16 -9.65
N HIS A 10 -1.33 -0.44 -8.69
CA HIS A 10 -1.60 -1.53 -7.74
C HIS A 10 -2.60 -0.96 -6.73
N THR A 11 -3.77 -1.57 -6.66
CA THR A 11 -4.82 -1.09 -5.77
C THR A 11 -5.07 -1.89 -4.52
N ARG A 12 -4.98 -3.21 -4.63
CA ARG A 12 -5.23 -4.06 -3.47
C ARG A 12 -4.46 -5.36 -3.52
N SER A 13 -4.17 -5.89 -2.35
CA SER A 13 -3.46 -7.14 -2.23
C SER A 13 -4.19 -7.99 -1.21
N THR A 14 -4.50 -9.24 -1.53
CA THR A 14 -5.18 -10.09 -0.56
C THR A 14 -4.08 -10.76 0.25
N PRO A 15 -4.41 -11.28 1.45
CA PRO A 15 -3.35 -11.94 2.20
C PRO A 15 -3.11 -13.32 1.61
N PHE A 16 -2.11 -14.03 2.11
CA PHE A 16 -1.83 -15.37 1.63
C PHE A 16 -2.98 -16.30 2.03
N TRP A 17 -3.43 -17.12 1.09
CA TRP A 17 -4.51 -18.05 1.36
C TRP A 17 -4.20 -19.47 0.90
N ASN A 18 -4.87 -20.42 1.54
CA ASN A 18 -4.75 -21.85 1.23
C ASN A 18 -6.20 -22.36 1.16
N LYS A 19 -6.39 -23.65 0.89
CA LYS A 19 -7.74 -24.19 0.77
C LYS A 19 -8.67 -23.81 1.90
N GLN A 20 -8.13 -23.65 3.10
CA GLN A 20 -8.95 -23.30 4.27
C GLN A 20 -9.21 -21.82 4.57
N THR A 21 -8.21 -20.96 4.37
CA THR A 21 -8.36 -19.54 4.68
C THR A 21 -8.94 -18.68 3.57
N ALA A 22 -8.93 -19.20 2.35
CA ALA A 22 -9.46 -18.44 1.22
C ALA A 22 -10.99 -18.54 1.19
N PRO A 23 -11.67 -17.48 0.70
CA PRO A 23 -13.14 -17.50 0.64
C PRO A 23 -13.62 -18.73 -0.12
N ALA A 24 -14.50 -19.51 0.52
CA ALA A 24 -15.02 -20.72 -0.09
C ALA A 24 -15.45 -20.56 -1.54
N GLY A 25 -16.16 -19.47 -1.84
CA GLY A 25 -16.66 -19.24 -3.19
C GLY A 25 -15.66 -19.01 -4.31
N ILE A 26 -14.38 -18.88 -3.98
CA ILE A 26 -13.36 -18.65 -4.99
C ILE A 26 -13.10 -19.95 -5.77
N PHE A 27 -13.42 -21.09 -5.15
CA PHE A 27 -13.22 -22.39 -5.79
C PHE A 27 -14.42 -22.80 -6.63
N GLU A 28 -15.46 -21.97 -6.62
CA GLU A 28 -16.66 -22.26 -7.41
C GLU A 28 -16.71 -21.24 -8.55
N ARG A 29 -17.36 -21.60 -9.65
CA ARG A 29 -17.43 -20.70 -10.80
C ARG A 29 -18.04 -19.39 -10.37
N HIS A 30 -17.32 -18.31 -10.65
CA HIS A 30 -17.78 -16.99 -10.26
C HIS A 30 -17.21 -15.91 -11.15
N LEU A 31 -17.67 -14.68 -10.91
CA LEU A 31 -17.23 -13.51 -11.63
C LEU A 31 -16.62 -12.63 -10.55
N ASP A 32 -15.39 -12.18 -10.74
CA ASP A 32 -14.74 -11.34 -9.75
C ASP A 32 -15.58 -10.10 -9.46
N LYS A 33 -15.84 -9.87 -8.18
CA LYS A 33 -16.64 -8.74 -7.72
C LYS A 33 -16.09 -7.40 -8.22
N GLY A 34 -16.83 -6.74 -9.09
CA GLY A 34 -16.41 -5.45 -9.60
C GLY A 34 -15.59 -5.52 -10.88
N THR A 35 -15.34 -6.73 -11.39
CA THR A 35 -14.56 -6.89 -12.62
C THR A 35 -15.14 -6.09 -13.77
N ARG A 36 -14.26 -5.48 -14.56
CA ARG A 36 -14.67 -4.69 -15.72
C ARG A 36 -13.40 -4.36 -16.49
N PRO A 37 -13.52 -3.88 -17.73
CA PRO A 37 -12.28 -3.58 -18.46
C PRO A 37 -11.40 -2.61 -17.68
N GLY A 38 -10.12 -2.95 -17.55
CA GLY A 38 -9.18 -2.11 -16.83
C GLY A 38 -8.89 -2.59 -15.40
N VAL A 39 -9.42 -3.75 -15.04
CA VAL A 39 -9.21 -4.32 -13.73
C VAL A 39 -8.63 -5.73 -13.92
N TYR A 40 -7.33 -5.87 -13.68
CA TYR A 40 -6.64 -7.14 -13.84
C TYR A 40 -6.13 -7.75 -12.57
N PRO A 41 -6.55 -9.00 -12.26
CA PRO A 41 -6.05 -9.64 -11.04
C PRO A 41 -4.83 -10.49 -11.41
N ARG A 42 -3.85 -10.56 -10.51
CA ARG A 42 -2.63 -11.35 -10.70
C ARG A 42 -2.48 -12.34 -9.55
N LEU A 43 -2.43 -13.64 -9.88
CA LEU A 43 -2.31 -14.65 -8.85
C LEU A 43 -0.94 -15.29 -8.86
N SER A 44 -0.25 -15.16 -7.74
CA SER A 44 1.10 -15.72 -7.58
C SER A 44 1.04 -16.83 -6.56
N VAL A 45 1.64 -17.98 -6.86
CA VAL A 45 1.60 -19.06 -5.87
C VAL A 45 2.98 -19.22 -5.24
N HIS A 47 3.71 -21.53 -2.79
CA HIS A 47 4.02 -22.94 -2.55
C HIS A 47 2.92 -23.83 -3.15
N GLY A 48 3.33 -24.95 -3.71
CA GLY A 48 2.37 -25.85 -4.31
C GLY A 48 2.02 -25.38 -5.71
N ALA A 49 0.73 -25.39 -6.03
CA ALA A 49 0.29 -24.97 -7.35
C ALA A 49 -1.19 -24.70 -7.37
N VAL A 50 -1.60 -23.74 -8.20
CA VAL A 50 -3.00 -23.38 -8.34
C VAL A 50 -3.41 -23.47 -9.80
N LYS A 51 -4.58 -24.06 -10.04
CA LYS A 51 -5.08 -24.19 -11.39
C LYS A 51 -6.24 -23.23 -11.64
N TYR A 52 -6.17 -22.51 -12.76
CA TYR A 52 -7.23 -21.60 -13.14
C TYR A 52 -7.95 -22.17 -14.36
N LEU A 53 -9.29 -22.14 -14.32
CA LEU A 53 -10.15 -22.62 -15.40
C LEU A 53 -11.08 -21.48 -15.78
N GLY A 54 -11.02 -21.05 -17.04
CA GLY A 54 -11.88 -19.98 -17.50
C GLY A 54 -12.97 -20.49 -18.43
N TYR A 55 -14.16 -19.89 -18.33
CA TYR A 55 -15.27 -20.32 -19.17
C TYR A 55 -15.81 -19.20 -20.05
N ALA A 56 -16.27 -19.58 -21.24
CA ALA A 56 -16.84 -18.64 -22.21
C ALA A 56 -18.00 -17.86 -21.62
N ASP A 57 -18.78 -18.51 -20.76
CA ASP A 57 -19.90 -17.84 -20.11
C ASP A 57 -20.27 -18.58 -18.83
N GLU A 58 -21.25 -18.03 -18.13
CA GLU A 58 -21.69 -18.59 -16.86
C GLU A 58 -22.11 -20.05 -16.90
N HIS A 59 -22.71 -20.50 -18.01
CA HIS A 59 -23.17 -21.88 -18.05
C HIS A 59 -22.47 -22.85 -18.99
N SER A 60 -21.33 -22.45 -19.56
CA SER A 60 -20.57 -23.33 -20.44
C SER A 60 -20.28 -24.63 -19.69
N ALA A 61 -20.38 -25.75 -20.39
CA ALA A 61 -20.14 -27.07 -19.81
C ALA A 61 -18.65 -27.33 -19.58
N GLU A 62 -17.81 -26.79 -20.45
CA GLU A 62 -16.36 -27.00 -20.34
C GLU A 62 -15.62 -25.67 -20.44
N PRO A 63 -14.44 -25.58 -19.82
CA PRO A 63 -13.67 -24.34 -19.88
C PRO A 63 -12.96 -24.18 -21.22
N ASP A 64 -12.71 -22.94 -21.59
CA ASP A 64 -12.01 -22.67 -22.85
C ASP A 64 -10.63 -22.08 -22.53
N GLN A 65 -10.25 -22.13 -21.25
CA GLN A 65 -8.95 -21.59 -20.84
C GLN A 65 -8.42 -22.30 -19.58
N VAL A 66 -7.25 -22.92 -19.69
CA VAL A 66 -6.65 -23.65 -18.56
C VAL A 66 -5.25 -23.14 -18.28
N ILE A 67 -5.01 -22.75 -17.03
CA ILE A 67 -3.70 -22.24 -16.62
C ILE A 67 -3.24 -22.87 -15.31
N LEU A 68 -2.10 -23.55 -15.35
CA LEU A 68 -1.55 -24.17 -14.15
C LEU A 68 -0.42 -23.29 -13.66
N ILE A 69 -0.61 -22.69 -12.47
CA ILE A 69 0.39 -21.81 -11.87
C ILE A 69 1.16 -22.54 -10.78
N GLU A 70 2.48 -22.64 -10.94
CA GLU A 70 3.31 -23.31 -9.96
C GLU A 70 4.04 -22.31 -9.06
N ALA A 71 4.65 -22.81 -8.00
CA ALA A 71 5.38 -21.95 -7.07
C ALA A 71 6.44 -21.17 -7.85
N GLY A 72 6.52 -19.86 -7.63
CA GLY A 72 7.49 -19.05 -8.34
C GLY A 72 6.92 -18.43 -9.60
N GLN A 73 5.68 -18.79 -9.91
CA GLN A 73 5.00 -18.25 -11.09
C GLN A 73 3.80 -17.40 -10.69
N PHE A 74 3.30 -16.64 -11.66
CA PHE A 74 2.08 -15.85 -11.48
C PHE A 74 1.38 -15.85 -12.82
N ALA A 75 0.10 -15.52 -12.80
CA ALA A 75 -0.67 -15.44 -14.02
C ALA A 75 -1.68 -14.33 -13.83
N VAL A 76 -1.93 -13.60 -14.91
CA VAL A 76 -2.89 -12.50 -14.94
C VAL A 76 -4.15 -13.06 -15.61
N PHE A 77 -5.31 -12.90 -14.96
CA PHE A 77 -6.56 -13.40 -15.52
C PHE A 77 -7.34 -12.33 -16.28
N PRO A 78 -8.05 -12.74 -17.35
CA PRO A 78 -8.83 -11.78 -18.14
C PRO A 78 -10.03 -11.27 -17.34
N PRO A 79 -10.33 -9.96 -17.41
CA PRO A 79 -11.46 -9.41 -16.66
C PRO A 79 -12.82 -9.74 -17.28
N GLU A 80 -13.87 -9.67 -16.47
CA GLU A 80 -15.22 -9.96 -16.93
C GLU A 80 -15.34 -11.37 -17.49
N LYS A 81 -14.69 -12.33 -16.86
CA LYS A 81 -14.81 -13.70 -17.35
C LYS A 81 -15.11 -14.67 -16.21
N TRP A 82 -16.07 -15.58 -16.43
CA TRP A 82 -16.42 -16.57 -15.43
C TRP A 82 -15.26 -17.57 -15.28
N HIS A 83 -14.96 -17.94 -14.04
CA HIS A 83 -13.85 -18.85 -13.78
C HIS A 83 -13.86 -19.31 -12.33
N ASN A 84 -12.80 -20.02 -11.98
CA ASN A 84 -12.57 -20.51 -10.61
C ASN A 84 -11.15 -21.07 -10.53
N ILE A 85 -10.60 -21.14 -9.33
CA ILE A 85 -9.26 -21.68 -9.14
C ILE A 85 -9.36 -22.95 -8.33
N GLU A 86 -8.27 -23.73 -8.31
CA GLU A 86 -8.23 -24.98 -7.57
C GLU A 86 -6.83 -25.14 -7.02
N ALA A 87 -6.73 -25.40 -5.72
CA ALA A 87 -5.44 -25.59 -5.10
C ALA A 87 -5.04 -27.05 -5.35
N THR A 89 -2.66 -28.82 -3.88
CA THR A 89 -2.20 -29.54 -2.69
C THR A 89 -2.75 -28.83 -1.46
N ASP A 90 -2.61 -29.48 -0.30
CA ASP A 90 -3.09 -28.92 0.96
C ASP A 90 -2.19 -27.81 1.48
N ASP A 91 -0.89 -27.92 1.25
CA ASP A 91 0.02 -26.88 1.71
C ASP A 91 0.17 -25.75 0.70
N THR A 92 -0.63 -25.80 -0.36
CA THR A 92 -0.59 -24.75 -1.39
C THR A 92 -1.02 -23.41 -0.83
N TYR A 93 -0.25 -22.36 -1.11
CA TYR A 93 -0.71 -21.04 -0.70
C TYR A 93 -0.32 -19.98 -1.73
N PHE A 94 -1.24 -19.06 -1.94
CA PHE A 94 -1.08 -18.01 -2.93
C PHE A 94 -1.70 -16.74 -2.39
N ASN A 95 -1.57 -15.66 -3.16
CA ASN A 95 -2.19 -14.40 -2.77
C ASN A 95 -2.52 -13.76 -4.10
N ILE A 96 -3.40 -12.77 -4.07
CA ILE A 96 -3.78 -12.11 -5.31
C ILE A 96 -3.60 -10.61 -5.24
N ASP A 97 -2.99 -10.04 -6.28
CA ASP A 97 -2.78 -8.61 -6.36
C ASP A 97 -3.64 -8.10 -7.51
N PHE A 98 -4.26 -6.94 -7.31
CA PHE A 98 -5.12 -6.35 -8.32
C PHE A 98 -4.52 -5.06 -8.84
N PHE A 99 -4.62 -4.85 -10.14
CA PHE A 99 -4.09 -3.65 -10.78
C PHE A 99 -5.18 -3.06 -11.66
N VAL A 100 -5.25 -1.72 -11.72
CA VAL A 100 -6.28 -1.09 -12.53
C VAL A 100 -5.79 0.12 -13.29
N ALA A 101 -6.40 0.34 -14.46
CA ALA A 101 -6.07 1.46 -15.31
C ALA A 101 -6.32 2.81 -14.62
N PRO A 102 -5.49 3.81 -14.93
CA PRO A 102 -5.70 5.14 -14.30
C PRO A 102 -7.05 5.75 -14.68
N GLU A 103 -7.46 5.61 -15.95
CA GLU A 103 -8.73 6.18 -16.42
C GLU A 103 -9.95 5.59 -15.73
N VAL A 104 -9.84 4.39 -15.17
CA VAL A 104 -10.99 3.79 -14.51
C VAL A 104 -10.92 3.96 -13.00
N LEU A 105 -9.74 4.32 -12.53
CA LEU A 105 -9.54 4.53 -11.10
C LEU A 105 -10.05 5.95 -10.84
N GLU A 107 -12.28 8.27 -13.28
CA GLU A 107 -13.00 8.54 -14.52
C GLU A 107 -13.45 9.99 -14.63
N GLY A 108 -12.92 10.68 -15.63
CA GLY A 108 -13.28 12.07 -15.84
C GLY A 108 -14.66 12.22 -16.45
N ALA A 109 -15.17 13.44 -16.46
CA ALA A 109 -16.49 13.71 -17.00
C ALA A 109 -16.50 13.51 -18.52
N LEU B 2 5.89 19.52 12.21
CA LEU B 2 6.85 18.72 11.45
C LEU B 2 6.20 18.42 10.11
N GLN B 3 7.00 18.40 9.05
CA GLN B 3 6.50 18.08 7.71
C GLN B 3 7.36 16.97 7.11
N ILE B 4 6.70 16.01 6.47
CA ILE B 4 7.41 14.91 5.85
C ILE B 4 7.80 15.40 4.45
N PRO B 5 9.10 15.35 4.11
CA PRO B 5 9.53 15.81 2.79
C PRO B 5 8.76 15.15 1.66
N GLN B 6 8.47 15.94 0.64
CA GLN B 6 7.72 15.52 -0.53
C GLN B 6 8.26 14.31 -1.29
N ASN B 7 9.52 13.96 -1.13
CA ASN B 7 10.04 12.79 -1.86
C ASN B 7 9.96 11.49 -1.07
N TYR B 8 9.42 11.55 0.16
CA TYR B 8 9.32 10.36 0.98
C TYR B 8 8.29 9.35 0.47
N ILE B 9 8.42 8.11 0.92
CA ILE B 9 7.55 7.04 0.45
C ILE B 9 6.71 6.40 1.55
N HIS B 10 5.42 6.25 1.26
CA HIS B 10 4.49 5.63 2.21
C HIS B 10 4.86 4.15 2.33
N THR B 11 5.15 3.66 3.53
CA THR B 11 5.53 2.25 3.70
C THR B 11 4.53 1.38 4.47
N ARG B 12 3.85 1.95 5.45
CA ARG B 12 2.88 1.18 6.23
C ARG B 12 1.73 2.03 6.74
N SER B 13 0.58 1.39 6.89
CA SER B 13 -0.61 2.04 7.38
C SER B 13 -1.29 1.09 8.35
N THR B 14 -1.48 1.54 9.59
CA THR B 14 -2.14 0.71 10.59
C THR B 14 -3.63 0.87 10.46
N PRO B 15 -4.39 -0.16 10.85
CA PRO B 15 -5.84 -0.02 10.73
C PRO B 15 -6.31 0.99 11.78
N PHE B 16 -7.57 1.37 11.74
CA PHE B 16 -8.10 2.31 12.70
C PHE B 16 -8.08 1.69 14.11
N TRP B 17 -7.56 2.44 15.08
CA TRP B 17 -7.47 1.97 16.44
C TRP B 17 -8.14 2.91 17.41
N ASN B 18 -8.65 2.35 18.51
CA ASN B 18 -9.31 3.12 19.55
C ASN B 18 -8.59 2.79 20.87
N LYS B 19 -9.13 3.26 21.99
CA LYS B 19 -8.51 3.01 23.28
C LYS B 19 -8.33 1.53 23.61
N GLN B 20 -9.21 0.70 23.07
CA GLN B 20 -9.15 -0.74 23.30
C GLN B 20 -8.43 -1.56 22.23
N THR B 21 -8.61 -1.21 20.97
CA THR B 21 -7.99 -1.98 19.88
C THR B 21 -6.54 -1.68 19.56
N ALA B 22 -6.07 -0.53 20.00
CA ALA B 22 -4.69 -0.14 19.75
C ALA B 22 -3.77 -0.99 20.60
N PRO B 23 -2.54 -1.27 20.11
CA PRO B 23 -1.62 -2.07 20.90
C PRO B 23 -1.33 -1.34 22.21
N ALA B 24 -1.51 -2.02 23.33
CA ALA B 24 -1.32 -1.43 24.65
C ALA B 24 -0.04 -0.63 24.82
N GLY B 25 1.03 -1.09 24.17
CA GLY B 25 2.30 -0.40 24.27
C GLY B 25 2.38 1.04 23.78
N ILE B 26 1.45 1.45 22.94
CA ILE B 26 1.49 2.81 22.40
C ILE B 26 1.08 3.84 23.44
N PHE B 27 0.34 3.42 24.46
CA PHE B 27 -0.12 4.33 25.51
C PHE B 27 0.92 4.60 26.58
N GLU B 28 1.98 3.81 26.59
CA GLU B 28 3.08 4.00 27.55
C GLU B 28 4.28 4.52 26.78
N ARG B 29 5.13 5.27 27.48
CA ARG B 29 6.31 5.84 26.87
C ARG B 29 7.16 4.77 26.21
N HIS B 30 7.44 4.97 24.92
CA HIS B 30 8.22 4.01 24.17
C HIS B 30 8.97 4.71 23.05
N LEU B 31 9.70 3.90 22.30
CA LEU B 31 10.49 4.38 21.17
C LEU B 31 10.06 3.46 20.04
N ASP B 32 9.38 4.01 19.03
CA ASP B 32 8.92 3.19 17.91
C ASP B 32 9.97 2.23 17.36
N LYS B 33 9.53 1.02 17.03
CA LYS B 33 10.43 0.01 16.48
C LYS B 33 11.07 0.49 15.18
N GLY B 34 12.39 0.35 15.12
CA GLY B 34 13.13 0.75 13.94
C GLY B 34 13.23 2.25 13.68
N THR B 35 12.87 3.05 14.68
CA THR B 35 12.94 4.49 14.53
C THR B 35 14.37 4.97 14.34
N ARG B 36 14.55 5.83 13.35
CA ARG B 36 15.85 6.40 13.03
C ARG B 36 15.65 7.53 12.02
N PRO B 37 16.73 8.28 11.70
CA PRO B 37 16.54 9.36 10.72
C PRO B 37 15.87 8.83 9.47
N GLY B 38 14.98 9.62 8.88
CA GLY B 38 14.33 9.17 7.65
C GLY B 38 13.05 8.37 7.80
N VAL B 39 12.55 8.23 9.02
CA VAL B 39 11.32 7.50 9.27
C VAL B 39 10.38 8.39 10.06
N TYR B 40 9.28 8.82 9.44
CA TYR B 40 8.32 9.68 10.12
C TYR B 40 6.93 9.10 10.22
N PRO B 41 6.39 8.98 11.45
CA PRO B 41 5.04 8.43 11.50
C PRO B 41 4.07 9.63 11.42
N ARG B 42 2.88 9.41 10.87
CA ARG B 42 1.87 10.47 10.76
C ARG B 42 0.59 9.92 11.36
N LEU B 43 0.15 10.51 12.46
CA LEU B 43 -1.07 10.09 13.13
C LEU B 43 -2.19 11.06 12.81
N SER B 44 -3.26 10.54 12.22
CA SER B 44 -4.39 11.41 11.89
C SER B 44 -5.62 10.92 12.62
N VAL B 45 -6.41 11.86 13.16
CA VAL B 45 -7.60 11.51 13.90
C VAL B 45 -8.88 11.59 13.10
N HIS B 47 -11.96 10.71 14.40
CA HIS B 47 -13.03 11.13 15.30
C HIS B 47 -12.48 11.28 16.71
N GLY B 48 -12.98 12.28 17.44
CA GLY B 48 -12.52 12.52 18.79
C GLY B 48 -11.25 13.35 18.81
N ALA B 49 -10.25 12.92 19.58
CA ALA B 49 -8.99 13.63 19.67
C ALA B 49 -7.90 12.78 20.31
N VAL B 50 -6.66 13.00 19.90
CA VAL B 50 -5.55 12.25 20.44
C VAL B 50 -4.48 13.24 20.89
N LYS B 51 -3.80 12.90 21.97
CA LYS B 51 -2.75 13.77 22.46
C LYS B 51 -1.40 13.07 22.45
N TYR B 52 -0.41 13.72 21.86
CA TYR B 52 0.93 13.18 21.80
C TYR B 52 1.73 13.87 22.89
N LEU B 53 2.65 13.14 23.51
CA LEU B 53 3.52 13.69 24.54
C LEU B 53 4.93 13.20 24.23
N GLY B 54 5.83 14.15 24.03
CA GLY B 54 7.21 13.81 23.73
C GLY B 54 8.13 14.11 24.91
N TYR B 55 9.21 13.33 25.04
CA TYR B 55 10.15 13.53 26.13
C TYR B 55 11.61 13.67 25.68
N ALA B 56 12.40 14.46 26.40
CA ALA B 56 13.81 14.66 26.08
C ALA B 56 14.52 13.30 26.07
N ASP B 57 14.16 12.44 27.02
CA ASP B 57 14.72 11.09 27.11
C ASP B 57 13.74 10.11 27.75
N GLU B 58 14.23 8.91 28.06
CA GLU B 58 13.39 7.87 28.63
C GLU B 58 12.84 8.13 30.02
N HIS B 59 13.64 8.79 30.85
CA HIS B 59 13.22 9.06 32.23
C HIS B 59 12.91 10.52 32.61
N SER B 60 12.81 11.41 31.62
CA SER B 60 12.51 12.82 31.92
C SER B 60 11.21 12.89 32.71
N ALA B 61 11.19 13.73 33.74
CA ALA B 61 10.00 13.85 34.57
C ALA B 61 8.81 14.46 33.84
N GLU B 62 9.08 15.48 33.02
CA GLU B 62 8.03 16.17 32.27
C GLU B 62 8.26 16.12 30.77
N PRO B 63 7.18 16.16 30.00
CA PRO B 63 7.33 16.13 28.55
C PRO B 63 7.75 17.51 28.06
N ASP B 64 8.46 17.57 26.93
CA ASP B 64 8.88 18.85 26.40
C ASP B 64 8.20 19.13 25.06
N GLN B 65 7.13 18.38 24.78
CA GLN B 65 6.39 18.54 23.54
C GLN B 65 4.98 17.97 23.68
N VAL B 66 3.98 18.77 23.35
CA VAL B 66 2.59 18.36 23.45
C VAL B 66 1.83 18.80 22.21
N ILE B 67 1.16 17.86 21.56
CA ILE B 67 0.39 18.14 20.36
C ILE B 67 -1.00 17.54 20.49
N LEU B 68 -2.02 18.39 20.51
CA LEU B 68 -3.37 17.89 20.61
C LEU B 68 -3.93 17.77 19.20
N ILE B 69 -4.31 16.57 18.82
CA ILE B 69 -4.83 16.33 17.49
C ILE B 69 -6.34 16.07 17.46
N GLU B 70 -7.09 17.03 16.91
CA GLU B 70 -8.54 16.90 16.79
C GLU B 70 -8.92 16.12 15.52
N ALA B 71 -10.17 15.69 15.46
CA ALA B 71 -10.68 14.96 14.30
C ALA B 71 -10.49 15.84 13.05
N GLY B 72 -10.06 15.23 11.96
CA GLY B 72 -9.86 15.97 10.73
C GLY B 72 -8.47 16.57 10.66
N GLN B 73 -7.62 16.19 11.61
CA GLN B 73 -6.25 16.69 11.64
C GLN B 73 -5.26 15.54 11.78
N PHE B 74 -4.00 15.85 11.57
CA PHE B 74 -2.94 14.88 11.71
C PHE B 74 -1.70 15.61 12.22
N ALA B 75 -0.76 14.85 12.77
CA ALA B 75 0.48 15.42 13.25
C ALA B 75 1.59 14.42 12.97
N VAL B 76 2.73 14.93 12.50
CA VAL B 76 3.87 14.10 12.22
C VAL B 76 4.75 14.18 13.47
N PHE B 77 5.24 13.03 13.92
CA PHE B 77 6.06 12.99 15.11
C PHE B 77 7.54 12.87 14.78
N PRO B 78 8.40 13.43 15.64
CA PRO B 78 9.85 13.36 15.39
C PRO B 78 10.37 11.94 15.61
N PRO B 79 11.39 11.53 14.83
CA PRO B 79 12.00 10.19 14.91
C PRO B 79 12.92 10.06 16.14
N GLU B 80 13.21 8.84 16.54
CA GLU B 80 14.11 8.59 17.66
C GLU B 80 13.76 9.40 18.92
N LYS B 81 12.48 9.51 19.24
CA LYS B 81 12.09 10.25 20.42
C LYS B 81 11.11 9.49 21.30
N TRP B 82 11.39 9.43 22.59
CA TRP B 82 10.49 8.75 23.52
C TRP B 82 9.17 9.52 23.58
N HIS B 83 8.07 8.80 23.50
CA HIS B 83 6.75 9.42 23.54
C HIS B 83 5.68 8.38 23.86
N ASN B 84 4.45 8.87 23.94
CA ASN B 84 3.28 8.03 24.19
C ASN B 84 2.08 8.84 23.72
N ILE B 85 0.96 8.18 23.42
CA ILE B 85 -0.23 8.89 23.01
C ILE B 85 -1.35 8.60 24.00
N GLU B 86 -2.40 9.41 23.95
CA GLU B 86 -3.54 9.25 24.84
C GLU B 86 -4.82 9.55 24.09
N ALA B 87 -5.75 8.59 24.08
CA ALA B 87 -7.03 8.79 23.42
C ALA B 87 -7.91 9.62 24.35
N THR B 89 -11.11 10.29 24.26
CA THR B 89 -12.45 9.75 24.51
C THR B 89 -12.54 8.29 24.12
N ASP B 90 -13.58 7.63 24.57
CA ASP B 90 -13.77 6.22 24.25
C ASP B 90 -14.09 6.05 22.78
N ASP B 91 -14.88 6.97 22.26
CA ASP B 91 -15.30 6.92 20.86
C ASP B 91 -14.25 7.48 19.91
N THR B 92 -13.01 7.66 20.38
CA THR B 92 -11.95 8.17 19.53
C THR B 92 -11.32 7.05 18.73
N TYR B 93 -11.05 7.30 17.46
CA TYR B 93 -10.33 6.32 16.65
C TYR B 93 -9.42 7.08 15.69
N PHE B 94 -8.30 6.46 15.36
CA PHE B 94 -7.32 7.08 14.51
C PHE B 94 -6.53 5.99 13.85
N ASN B 95 -5.50 6.37 13.10
CA ASN B 95 -4.62 5.42 12.45
C ASN B 95 -3.32 6.14 12.21
N ILE B 96 -2.27 5.38 11.92
CA ILE B 96 -0.97 5.94 11.67
C ILE B 96 -0.45 5.46 10.33
N ASP B 97 0.25 6.35 9.66
CA ASP B 97 0.86 6.06 8.37
C ASP B 97 2.32 6.39 8.53
N PHE B 98 3.19 5.47 8.14
CA PHE B 98 4.62 5.72 8.26
C PHE B 98 5.21 6.08 6.91
N PHE B 99 6.07 7.09 6.89
CA PHE B 99 6.72 7.52 5.66
C PHE B 99 8.22 7.43 5.84
N VAL B 100 8.90 6.94 4.80
CA VAL B 100 10.34 6.77 4.88
C VAL B 100 11.07 7.36 3.69
N ALA B 101 12.26 7.90 3.94
CA ALA B 101 13.08 8.48 2.87
C ALA B 101 13.50 7.39 1.88
N PRO B 102 13.62 7.72 0.59
CA PRO B 102 14.02 6.69 -0.36
C PRO B 102 15.42 6.15 -0.06
N GLU B 103 16.33 7.01 0.38
CA GLU B 103 17.70 6.58 0.67
C GLU B 103 17.79 5.65 1.87
N VAL B 104 16.71 5.59 2.66
CA VAL B 104 16.65 4.72 3.84
C VAL B 104 15.96 3.41 3.53
N LEU B 105 15.00 3.45 2.61
CA LEU B 105 14.29 2.23 2.20
C LEU B 105 15.22 1.39 1.34
N GLU B 107 19.00 1.31 0.96
CA GLU B 107 20.30 1.74 1.45
C GLU B 107 21.41 1.43 0.45
N GLY B 108 21.95 2.49 -0.15
CA GLY B 108 23.01 2.34 -1.11
C GLY B 108 24.34 1.99 -0.47
N ALA B 109 25.11 1.14 -1.13
CA ALA B 109 26.40 0.74 -0.59
C ALA B 109 27.41 1.88 -0.77
N GLN B 110 28.40 1.94 0.12
CA GLN B 110 29.42 2.97 0.05
C GLN B 110 30.80 2.31 0.02
N GLN B 111 31.84 3.10 -0.30
CA GLN B 111 33.20 2.58 -0.36
C GLN B 111 34.23 3.66 -0.01
N LEU C 2 13.46 -19.36 -2.37
CA LEU C 2 13.13 -18.80 -1.06
C LEU C 2 11.63 -18.50 -1.03
N GLN C 3 10.97 -18.90 0.06
CA GLN C 3 9.54 -18.64 0.18
C GLN C 3 9.26 -17.69 1.34
N ILE C 4 8.22 -16.88 1.19
CA ILE C 4 7.82 -15.95 2.22
C ILE C 4 6.81 -16.68 3.09
N PRO C 5 7.06 -16.76 4.40
CA PRO C 5 6.12 -17.45 5.29
C PRO C 5 4.68 -17.04 5.02
N GLN C 6 3.79 -18.03 5.02
CA GLN C 6 2.38 -17.77 4.76
C GLN C 6 1.69 -16.79 5.72
N ASN C 7 2.29 -16.51 6.86
CA ASN C 7 1.67 -15.60 7.83
C ASN C 7 2.14 -14.15 7.66
N TYR C 8 3.10 -13.92 6.78
CA TYR C 8 3.59 -12.56 6.54
C TYR C 8 2.53 -11.68 5.91
N ILE C 9 2.64 -10.37 6.12
CA ILE C 9 1.68 -9.40 5.61
C ILE C 9 2.26 -8.50 4.53
N HIS C 10 1.41 -8.07 3.59
CA HIS C 10 1.85 -7.19 2.53
C HIS C 10 1.81 -5.73 2.99
N THR C 11 2.93 -5.04 2.89
CA THR C 11 2.97 -3.64 3.34
C THR C 11 2.92 -2.62 2.22
N ARG C 12 3.74 -2.78 1.19
CA ARG C 12 3.73 -1.83 0.09
C ARG C 12 4.01 -2.47 -1.24
N SER C 13 3.82 -1.68 -2.30
CA SER C 13 4.04 -2.10 -3.67
C SER C 13 4.62 -0.94 -4.43
N THR C 14 5.34 -1.25 -5.50
CA THR C 14 5.93 -0.22 -6.33
C THR C 14 5.18 -0.21 -7.65
N PRO C 15 5.27 0.90 -8.40
CA PRO C 15 4.60 1.01 -9.70
C PRO C 15 5.39 0.06 -10.61
N PHE C 16 4.94 -0.14 -11.85
CA PHE C 16 5.68 -0.98 -12.78
C PHE C 16 6.87 -0.15 -13.23
N TRP C 17 8.06 -0.73 -13.20
CA TRP C 17 9.28 -0.02 -13.59
C TRP C 17 10.10 -0.71 -14.68
N ASN C 18 10.83 0.11 -15.43
CA ASN C 18 11.72 -0.40 -16.47
C ASN C 18 13.07 0.28 -16.26
N LYS C 19 14.03 0.00 -17.11
CA LYS C 19 15.36 0.61 -16.99
C LYS C 19 15.29 2.11 -16.72
N GLN C 20 14.41 2.80 -17.44
CA GLN C 20 14.28 4.26 -17.32
C GLN C 20 13.46 4.78 -16.15
N THR C 21 12.36 4.11 -15.85
CA THR C 21 11.48 4.57 -14.78
C THR C 21 11.88 4.18 -13.36
N ALA C 22 12.54 3.05 -13.17
CA ALA C 22 12.92 2.68 -11.81
C ALA C 22 13.93 3.64 -11.20
N PRO C 23 13.97 3.70 -9.86
CA PRO C 23 14.95 4.58 -9.22
C PRO C 23 16.30 4.00 -9.58
N ALA C 24 17.19 4.85 -10.08
CA ALA C 24 18.52 4.46 -10.51
C ALA C 24 19.26 3.56 -9.52
N GLY C 25 19.12 3.87 -8.23
CA GLY C 25 19.79 3.10 -7.20
C GLY C 25 19.49 1.61 -7.12
N ILE C 26 18.39 1.16 -7.74
CA ILE C 26 18.03 -0.25 -7.68
C ILE C 26 18.98 -1.14 -8.51
N PHE C 27 19.76 -0.52 -9.39
CA PHE C 27 20.70 -1.25 -10.25
C PHE C 27 22.12 -1.28 -9.65
N GLU C 28 22.27 -0.68 -8.48
CA GLU C 28 23.56 -0.64 -7.79
C GLU C 28 23.38 -1.45 -6.51
N ARG C 29 24.47 -1.92 -5.92
CA ARG C 29 24.35 -2.73 -4.70
C ARG C 29 23.61 -1.97 -3.62
N HIS C 30 22.72 -2.65 -2.91
CA HIS C 30 21.96 -2.01 -1.84
C HIS C 30 21.22 -3.00 -0.95
N LEU C 31 20.59 -2.46 0.09
CA LEU C 31 19.79 -3.25 1.03
C LEU C 31 18.34 -2.74 1.05
N ASP C 32 17.38 -3.65 1.02
CA ASP C 32 16.00 -3.21 1.10
C ASP C 32 15.62 -3.25 2.58
N LYS C 33 15.25 -2.10 3.12
CA LYS C 33 14.87 -1.99 4.53
C LYS C 33 13.45 -1.44 4.60
N GLY C 34 12.87 -1.52 5.79
CA GLY C 34 11.53 -0.99 6.02
C GLY C 34 11.60 -0.17 7.29
N THR C 35 10.57 -0.23 8.11
CA THR C 35 10.58 0.48 9.37
C THR C 35 11.14 -0.52 10.36
N ARG C 36 10.83 -1.79 10.10
CA ARG C 36 11.28 -2.90 10.93
C ARG C 36 12.24 -3.79 10.10
N PRO C 37 12.87 -4.79 10.74
CA PRO C 37 13.78 -5.65 10.00
C PRO C 37 13.07 -6.87 9.41
N GLY C 38 13.83 -7.67 8.66
CA GLY C 38 13.28 -8.88 8.07
C GLY C 38 12.20 -8.71 7.02
N VAL C 39 12.28 -7.65 6.23
CA VAL C 39 11.30 -7.41 5.17
C VAL C 39 11.71 -8.27 3.97
N TYR C 40 10.74 -8.95 3.39
CA TYR C 40 10.99 -9.80 2.22
C TYR C 40 10.49 -9.10 0.96
N PRO C 41 11.41 -8.83 0.01
CA PRO C 41 10.96 -8.17 -1.21
C PRO C 41 10.59 -9.28 -2.21
N ARG C 42 9.56 -9.04 -3.01
CA ARG C 42 9.15 -10.00 -4.01
C ARG C 42 9.10 -9.26 -5.34
N LEU C 43 10.04 -9.57 -6.22
CA LEU C 43 10.10 -8.92 -7.51
C LEU C 43 9.41 -9.76 -8.57
N SER C 44 8.41 -9.20 -9.22
CA SER C 44 7.70 -9.94 -10.27
C SER C 44 7.96 -9.32 -11.63
N VAL C 45 8.42 -10.13 -12.59
CA VAL C 45 8.66 -9.61 -13.93
C VAL C 45 7.46 -9.85 -14.84
N HIS C 47 7.30 -8.66 -18.04
CA HIS C 47 7.77 -8.79 -19.43
C HIS C 47 9.30 -8.72 -19.49
N GLY C 48 9.89 -9.52 -20.36
CA GLY C 48 11.34 -9.56 -20.50
C GLY C 48 11.93 -10.45 -19.41
N ALA C 49 13.06 -10.05 -18.86
CA ALA C 49 13.71 -10.81 -17.81
C ALA C 49 14.48 -9.88 -16.89
N VAL C 50 14.63 -10.30 -15.63
CA VAL C 50 15.36 -9.54 -14.61
C VAL C 50 16.32 -10.48 -13.87
N LYS C 51 17.54 -10.01 -13.63
CA LYS C 51 18.54 -10.81 -12.95
C LYS C 51 18.79 -10.25 -11.55
N TYR C 52 18.84 -11.13 -10.55
CA TYR C 52 19.12 -10.71 -9.19
C TYR C 52 20.56 -11.10 -8.90
N LEU C 53 21.29 -10.20 -8.27
CA LEU C 53 22.69 -10.45 -7.92
C LEU C 53 22.87 -10.16 -6.43
N GLY C 54 23.09 -11.22 -5.65
CA GLY C 54 23.27 -11.05 -4.23
C GLY C 54 24.74 -11.20 -3.86
N TYR C 55 25.17 -10.52 -2.81
CA TYR C 55 26.56 -10.59 -2.39
C TYR C 55 26.72 -11.05 -0.93
N ALA C 56 27.95 -11.42 -0.56
CA ALA C 56 28.22 -11.90 0.79
C ALA C 56 28.10 -10.75 1.78
N ASP C 57 28.60 -9.59 1.37
CA ASP C 57 28.52 -8.42 2.23
C ASP C 57 28.52 -7.16 1.39
N GLU C 58 28.65 -6.01 2.04
CA GLU C 58 28.64 -4.73 1.35
C GLU C 58 29.80 -4.50 0.39
N HIS C 59 30.91 -5.23 0.56
CA HIS C 59 32.05 -4.98 -0.30
C HIS C 59 32.59 -6.13 -1.13
N SER C 60 32.11 -7.36 -0.94
CA SER C 60 32.62 -8.47 -1.73
C SER C 60 32.55 -8.13 -3.23
N ALA C 61 33.57 -8.50 -3.99
CA ALA C 61 33.67 -8.17 -5.40
C ALA C 61 32.74 -8.88 -6.39
N GLU C 62 32.45 -10.16 -6.14
CA GLU C 62 31.58 -10.89 -7.04
C GLU C 62 30.36 -11.41 -6.32
N PRO C 63 29.24 -11.59 -7.05
CA PRO C 63 28.04 -12.10 -6.40
C PRO C 63 28.22 -13.54 -5.92
N ASP C 64 27.50 -13.90 -4.86
CA ASP C 64 27.55 -15.26 -4.31
C ASP C 64 26.20 -15.95 -4.56
N GLN C 65 25.37 -15.33 -5.40
CA GLN C 65 24.05 -15.88 -5.74
C GLN C 65 23.46 -15.11 -6.91
N VAL C 66 23.01 -15.84 -7.93
CA VAL C 66 22.40 -15.24 -9.12
C VAL C 66 21.10 -15.95 -9.47
N ILE C 67 20.04 -15.17 -9.62
CA ILE C 67 18.72 -15.67 -9.95
C ILE C 67 18.17 -14.93 -11.17
N LEU C 68 17.86 -15.67 -12.24
CA LEU C 68 17.29 -15.09 -13.45
C LEU C 68 15.77 -15.27 -13.34
N ILE C 69 15.03 -14.17 -13.53
CA ILE C 69 13.58 -14.15 -13.43
C ILE C 69 12.96 -13.76 -14.76
N GLU C 70 12.18 -14.67 -15.34
CA GLU C 70 11.55 -14.43 -16.64
C GLU C 70 10.10 -13.97 -16.47
N ALA C 71 9.51 -13.41 -17.53
CA ALA C 71 8.13 -12.92 -17.45
C ALA C 71 7.16 -14.04 -17.01
N GLY C 72 6.34 -13.73 -16.02
CA GLY C 72 5.39 -14.70 -15.54
C GLY C 72 5.95 -15.39 -14.32
N GLN C 73 7.11 -14.92 -13.86
CA GLN C 73 7.73 -15.51 -12.68
C GLN C 73 8.07 -14.43 -11.69
N PHE C 74 8.34 -14.85 -10.46
CA PHE C 74 8.74 -13.93 -9.41
C PHE C 74 9.81 -14.61 -8.56
N ALA C 75 10.52 -13.82 -7.79
CA ALA C 75 11.55 -14.33 -6.90
C ALA C 75 11.55 -13.47 -5.64
N VAL C 76 11.61 -14.11 -4.48
CA VAL C 76 11.67 -13.34 -3.24
C VAL C 76 13.16 -13.23 -2.89
N PHE C 77 13.60 -12.05 -2.45
CA PHE C 77 15.00 -11.84 -2.13
C PHE C 77 15.35 -12.04 -0.66
N PRO C 78 16.52 -12.63 -0.37
CA PRO C 78 16.92 -12.84 1.02
C PRO C 78 16.97 -11.51 1.76
N PRO C 79 16.29 -11.42 2.92
CA PRO C 79 16.26 -10.19 3.71
C PRO C 79 17.65 -9.78 4.21
N GLU C 80 17.86 -8.48 4.39
CA GLU C 80 19.12 -7.97 4.91
C GLU C 80 20.34 -8.47 4.13
N LYS C 81 20.17 -8.73 2.85
CA LYS C 81 21.27 -9.20 2.01
C LYS C 81 21.56 -8.19 0.91
N TRP C 82 22.81 -7.74 0.81
CA TRP C 82 23.19 -6.77 -0.22
C TRP C 82 22.98 -7.35 -1.62
N HIS C 83 22.46 -6.52 -2.54
CA HIS C 83 22.21 -6.96 -3.91
C HIS C 83 21.86 -5.81 -4.84
N ASN C 84 21.66 -6.16 -6.10
CA ASN C 84 21.23 -5.21 -7.13
C ASN C 84 20.57 -6.05 -8.19
N ILE C 85 19.75 -5.41 -9.03
CA ILE C 85 19.09 -6.13 -10.08
C ILE C 85 19.61 -5.60 -11.41
N GLU C 86 19.22 -6.27 -12.49
CA GLU C 86 19.64 -5.91 -13.83
C GLU C 86 18.54 -6.30 -14.81
N ALA C 87 18.11 -5.34 -15.63
CA ALA C 87 17.09 -5.61 -16.65
C ALA C 87 17.81 -6.20 -17.86
N THR C 89 16.52 -6.67 -21.02
CA THR C 89 16.13 -6.04 -22.28
C THR C 89 15.59 -4.66 -21.98
N ASP C 90 15.46 -3.84 -23.01
CA ASP C 90 14.95 -2.48 -22.86
C ASP C 90 13.45 -2.50 -22.59
N ASP C 91 12.78 -3.56 -23.03
CA ASP C 91 11.33 -3.71 -22.86
C ASP C 91 10.91 -4.33 -21.53
N THR C 92 11.88 -4.86 -20.80
CA THR C 92 11.59 -5.47 -19.52
C THR C 92 10.99 -4.47 -18.54
N TYR C 93 9.92 -4.88 -17.87
CA TYR C 93 9.34 -4.04 -16.82
C TYR C 93 8.85 -4.98 -15.73
N PHE C 94 8.84 -4.50 -14.51
CA PHE C 94 8.49 -5.34 -13.37
C PHE C 94 7.98 -4.45 -12.24
N ASN C 95 7.56 -5.07 -11.14
CA ASN C 95 7.14 -4.32 -9.96
C ASN C 95 7.60 -5.10 -8.74
N ILE C 96 7.63 -4.44 -7.59
CA ILE C 96 8.07 -5.12 -6.38
C ILE C 96 7.10 -4.94 -5.22
N ASP C 97 6.79 -6.06 -4.56
CA ASP C 97 5.91 -6.09 -3.40
C ASP C 97 6.76 -6.46 -2.17
N PHE C 98 6.50 -5.83 -1.04
CA PHE C 98 7.26 -6.11 0.18
C PHE C 98 6.37 -6.71 1.26
N PHE C 99 6.88 -7.71 1.96
CA PHE C 99 6.13 -8.37 3.02
C PHE C 99 6.85 -8.39 4.36
N VAL C 100 6.09 -8.19 5.44
CA VAL C 100 6.68 -8.19 6.77
C VAL C 100 5.97 -9.15 7.72
N ALA C 101 6.69 -9.58 8.75
CA ALA C 101 6.18 -10.51 9.74
C ALA C 101 5.00 -9.92 10.52
N PRO C 102 4.09 -10.77 11.02
CA PRO C 102 2.94 -10.27 11.77
C PRO C 102 3.26 -10.13 13.25
N GLU C 103 2.49 -9.29 13.94
CA GLU C 103 2.68 -9.07 15.38
C GLU C 103 1.54 -9.73 16.16
N VAL C 104 1.88 -10.59 17.11
CA VAL C 104 0.87 -11.26 17.93
C VAL C 104 1.03 -10.82 19.37
N LEU C 105 0.12 -9.95 19.82
CA LEU C 105 0.14 -9.42 21.18
C LEU C 105 -0.83 -10.21 22.06
N GLU C 107 -3.47 -10.89 24.84
CA GLU C 107 -4.53 -10.04 25.37
C GLU C 107 -5.11 -10.62 26.64
N GLY C 108 -5.96 -9.84 27.31
CA GLY C 108 -6.58 -10.29 28.53
C GLY C 108 -8.06 -10.51 28.31
N ALA C 109 -8.77 -10.92 29.36
CA ALA C 109 -10.19 -11.17 29.27
C ALA C 109 -11.01 -9.88 29.39
N GLN C 110 -10.47 -8.89 30.10
CA GLN C 110 -11.15 -7.61 30.29
C GLN C 110 -10.60 -6.53 29.38
N GLN C 111 -11.32 -5.41 29.32
CA GLN C 111 -10.89 -4.27 28.54
C GLN C 111 -10.05 -3.42 29.46
N ARG C 112 -9.29 -2.49 28.88
CA ARG C 112 -8.44 -1.61 29.67
C ARG C 112 -9.27 -0.42 30.17
N LYS C 113 -9.45 -0.33 31.49
CA LYS C 113 -10.24 0.74 32.08
C LYS C 113 -9.65 2.12 31.80
N LEU D 2 -17.20 14.79 7.47
CA LEU D 2 -17.51 13.45 6.99
C LEU D 2 -16.41 12.55 7.53
N GLN D 3 -16.77 11.40 8.08
CA GLN D 3 -15.76 10.51 8.62
C GLN D 3 -15.80 9.14 7.99
N ILE D 4 -14.66 8.45 8.01
CA ILE D 4 -14.57 7.10 7.48
C ILE D 4 -14.89 6.16 8.64
N PRO D 5 -15.82 5.22 8.44
CA PRO D 5 -16.19 4.28 9.50
C PRO D 5 -14.96 3.53 10.03
N GLN D 6 -14.92 3.33 11.34
CA GLN D 6 -13.80 2.68 11.99
C GLN D 6 -13.43 1.29 11.46
N ASN D 7 -14.39 0.58 10.88
CA ASN D 7 -14.13 -0.76 10.37
C ASN D 7 -13.62 -0.86 8.94
N TYR D 8 -13.34 0.27 8.31
CA TYR D 8 -12.83 0.25 6.94
C TYR D 8 -11.35 -0.08 6.90
N ILE D 9 -10.89 -0.62 5.77
CA ILE D 9 -9.51 -1.02 5.60
C ILE D 9 -8.76 -0.17 4.56
N HIS D 10 -7.51 0.16 4.87
CA HIS D 10 -6.69 0.95 3.97
C HIS D 10 -6.23 0.09 2.79
N THR D 11 -6.44 0.58 1.57
CA THR D 11 -6.08 -0.22 0.40
C THR D 11 -4.91 0.33 -0.41
N ARG D 12 -4.83 1.65 -0.52
CA ARG D 12 -3.77 2.26 -1.32
C ARG D 12 -3.46 3.69 -0.91
N SER D 13 -2.25 4.15 -1.26
CA SER D 13 -1.79 5.50 -0.97
C SER D 13 -1.07 6.02 -2.20
N THR D 14 -1.18 7.32 -2.45
CA THR D 14 -0.48 7.91 -3.57
C THR D 14 0.77 8.54 -3.00
N PRO D 15 1.79 8.79 -3.84
CA PRO D 15 2.97 9.43 -3.28
C PRO D 15 2.59 10.89 -3.08
N PHE D 16 3.51 11.72 -2.59
CA PHE D 16 3.19 13.13 -2.40
C PHE D 16 3.15 13.80 -3.76
N TRP D 17 2.12 14.59 -4.02
CA TRP D 17 1.99 15.29 -5.30
C TRP D 17 1.79 16.78 -5.16
N ASN D 18 2.12 17.51 -6.23
CA ASN D 18 1.92 18.94 -6.29
C ASN D 18 1.28 19.25 -7.64
N LYS D 19 1.05 20.53 -7.96
CA LYS D 19 0.43 20.90 -9.23
C LYS D 19 1.06 20.25 -10.46
N GLN D 20 2.35 19.94 -10.39
CA GLN D 20 3.01 19.35 -11.55
C GLN D 20 3.13 17.82 -11.57
N THR D 21 3.43 17.23 -10.42
CA THR D 21 3.61 15.78 -10.33
C THR D 21 2.29 15.01 -10.26
N ALA D 22 1.22 15.68 -9.84
CA ALA D 22 -0.05 14.99 -9.75
C ALA D 22 -0.59 14.60 -11.12
N PRO D 23 -1.51 13.61 -11.18
CA PRO D 23 -2.05 13.22 -12.48
C PRO D 23 -2.95 14.39 -12.88
N ALA D 24 -2.78 14.93 -14.08
CA ALA D 24 -3.56 16.07 -14.56
C ALA D 24 -5.06 15.95 -14.30
N GLY D 25 -5.62 14.78 -14.63
CA GLY D 25 -7.04 14.57 -14.45
C GLY D 25 -7.63 14.84 -13.09
N ILE D 26 -6.79 15.00 -12.07
CA ILE D 26 -7.28 15.23 -10.72
C ILE D 26 -7.75 16.68 -10.51
N PHE D 27 -7.23 17.58 -11.32
CA PHE D 27 -7.61 18.98 -11.23
C PHE D 27 -8.83 19.23 -12.08
N GLU D 28 -9.25 18.21 -12.83
CA GLU D 28 -10.44 18.30 -13.67
C GLU D 28 -11.55 17.52 -12.96
N ARG D 29 -12.79 17.79 -13.33
CA ARG D 29 -13.93 17.12 -12.73
C ARG D 29 -13.89 15.62 -12.99
N HIS D 30 -14.05 14.84 -11.92
CA HIS D 30 -14.00 13.39 -12.06
C HIS D 30 -14.63 12.64 -10.90
N LEU D 31 -14.52 11.31 -11.00
CA LEU D 31 -15.05 10.41 -10.00
C LEU D 31 -13.98 9.36 -9.60
N ASP D 32 -13.81 9.16 -8.30
CA ASP D 32 -12.86 8.17 -7.78
C ASP D 32 -13.67 6.88 -7.68
N LYS D 33 -13.25 5.83 -8.37
CA LYS D 33 -14.02 4.59 -8.36
C LYS D 33 -13.46 3.38 -7.64
N GLY D 34 -12.27 2.94 -8.03
CA GLY D 34 -11.70 1.75 -7.40
C GLY D 34 -12.47 0.50 -7.82
N THR D 35 -11.95 -0.68 -7.46
CA THR D 35 -12.58 -1.95 -7.81
C THR D 35 -14.02 -2.13 -7.29
N ARG D 36 -14.32 -1.59 -6.12
CA ARG D 36 -15.66 -1.72 -5.55
C ARG D 36 -16.32 -0.36 -5.29
N PRO D 37 -17.65 -0.29 -5.39
CA PRO D 37 -18.30 1.00 -5.13
C PRO D 37 -18.22 1.31 -3.63
N GLY D 38 -18.35 2.58 -3.28
CA GLY D 38 -18.31 2.97 -1.88
C GLY D 38 -16.95 3.37 -1.32
N VAL D 39 -15.91 3.37 -2.15
CA VAL D 39 -14.57 3.74 -1.72
C VAL D 39 -14.50 5.17 -1.20
N TYR D 40 -13.66 5.38 -0.19
CA TYR D 40 -13.50 6.69 0.43
C TYR D 40 -12.10 7.27 0.23
N PRO D 41 -12.01 8.46 -0.39
CA PRO D 41 -10.66 9.03 -0.56
C PRO D 41 -10.41 9.96 0.61
N ARG D 42 -9.19 9.98 1.12
CA ARG D 42 -8.85 10.88 2.23
C ARG D 42 -7.62 11.69 1.83
N LEU D 43 -7.83 12.96 1.49
CA LEU D 43 -6.72 13.82 1.08
C LEU D 43 -6.18 14.63 2.25
N SER D 44 -4.88 14.51 2.49
CA SER D 44 -4.25 15.23 3.58
C SER D 44 -3.17 16.16 3.02
N VAL D 45 -3.21 17.41 3.46
CA VAL D 45 -2.27 18.41 2.98
C VAL D 45 -1.06 18.50 3.88
N HIS D 47 1.65 20.43 3.06
CA HIS D 47 2.14 21.80 2.91
C HIS D 47 1.28 22.63 1.94
N GLY D 48 1.09 23.91 2.27
CA GLY D 48 0.28 24.77 1.40
C GLY D 48 -1.20 24.50 1.64
N ALA D 49 -1.99 24.42 0.58
CA ALA D 49 -3.43 24.17 0.75
C ALA D 49 -4.09 23.63 -0.51
N VAL D 50 -5.10 22.79 -0.30
CA VAL D 50 -5.84 22.19 -1.40
C VAL D 50 -7.32 22.45 -1.19
N LYS D 51 -8.02 22.73 -2.27
CA LYS D 51 -9.45 22.98 -2.18
C LYS D 51 -10.21 21.90 -2.92
N TYR D 52 -11.27 21.39 -2.31
CA TYR D 52 -12.10 20.38 -2.92
C TYR D 52 -13.36 21.08 -3.46
N LEU D 53 -13.72 20.75 -4.69
CA LEU D 53 -14.91 21.33 -5.30
C LEU D 53 -15.79 20.17 -5.71
N GLY D 54 -16.88 19.99 -4.97
CA GLY D 54 -17.81 18.92 -5.26
C GLY D 54 -18.99 19.44 -6.06
N TYR D 55 -19.54 18.59 -6.91
CA TYR D 55 -20.66 18.99 -7.74
C TYR D 55 -21.89 18.09 -7.58
N ALA D 56 -23.05 18.66 -7.85
CA ALA D 56 -24.32 17.95 -7.74
C ALA D 56 -24.36 16.76 -8.71
N ASP D 57 -23.75 16.93 -9.87
CA ASP D 57 -23.70 15.85 -10.85
C ASP D 57 -22.60 16.14 -11.87
N GLU D 58 -22.45 15.24 -12.84
CA GLU D 58 -21.40 15.37 -13.84
C GLU D 58 -21.38 16.68 -14.60
N HIS D 59 -22.55 17.30 -14.79
CA HIS D 59 -22.62 18.53 -15.56
C HIS D 59 -23.04 19.81 -14.85
N SER D 60 -23.14 19.79 -13.53
CA SER D 60 -23.53 20.99 -12.81
C SER D 60 -22.59 22.11 -13.24
N ALA D 61 -23.13 23.31 -13.41
CA ALA D 61 -22.33 24.45 -13.84
C ALA D 61 -21.45 24.96 -12.71
N GLU D 62 -21.98 24.85 -11.50
CA GLU D 62 -21.27 25.32 -10.32
C GLU D 62 -21.31 24.26 -9.24
N PRO D 63 -20.29 24.25 -8.36
CA PRO D 63 -20.21 23.29 -7.27
C PRO D 63 -21.15 23.60 -6.11
N ASP D 64 -21.65 22.54 -5.46
CA ASP D 64 -22.56 22.70 -4.32
C ASP D 64 -21.81 22.49 -3.01
N GLN D 65 -20.54 22.11 -3.10
CA GLN D 65 -19.71 21.89 -1.93
C GLN D 65 -18.27 22.36 -2.13
N VAL D 66 -17.75 23.07 -1.14
CA VAL D 66 -16.39 23.59 -1.16
C VAL D 66 -15.70 23.38 0.19
N ILE D 67 -14.50 22.82 0.16
CA ILE D 67 -13.75 22.60 1.38
C ILE D 67 -12.30 22.98 1.17
N LEU D 68 -11.78 23.84 2.03
CA LEU D 68 -10.38 24.25 1.96
C LEU D 68 -9.64 23.37 2.97
N ILE D 69 -8.60 22.68 2.50
CA ILE D 69 -7.82 21.78 3.35
C ILE D 69 -6.43 22.37 3.50
N GLU D 70 -6.06 22.74 4.72
CA GLU D 70 -4.75 23.31 4.96
C GLU D 70 -3.79 22.32 5.60
N ALA D 71 -2.50 22.61 5.50
CA ALA D 71 -1.45 21.76 6.06
C ALA D 71 -1.78 21.33 7.49
N GLY D 72 -1.67 20.04 7.75
CA GLY D 72 -1.97 19.52 9.07
C GLY D 72 -3.40 19.03 9.15
N GLN D 73 -4.11 19.08 8.02
CA GLN D 73 -5.51 18.67 7.96
C GLN D 73 -5.78 17.72 6.80
N PHE D 74 -6.91 17.01 6.88
CA PHE D 74 -7.30 16.11 5.82
C PHE D 74 -8.81 16.21 5.67
N ALA D 75 -9.33 15.73 4.56
CA ALA D 75 -10.78 15.76 4.35
C ALA D 75 -11.17 14.48 3.64
N VAL D 76 -12.29 13.93 4.05
CA VAL D 76 -12.82 12.70 3.46
C VAL D 76 -13.75 13.19 2.34
N PHE D 77 -13.56 12.65 1.14
CA PHE D 77 -14.39 13.05 -0.01
C PHE D 77 -15.63 12.17 -0.14
N PRO D 78 -16.81 12.79 -0.34
CA PRO D 78 -18.03 12.00 -0.48
C PRO D 78 -17.90 11.07 -1.69
N PRO D 79 -18.09 9.77 -1.48
CA PRO D 79 -17.99 8.75 -2.53
C PRO D 79 -19.07 8.88 -3.60
N GLU D 80 -18.72 8.59 -4.85
CA GLU D 80 -19.68 8.65 -5.95
C GLU D 80 -20.13 10.06 -6.29
N LYS D 81 -19.49 11.07 -5.71
CA LYS D 81 -19.84 12.46 -5.99
C LYS D 81 -18.76 13.11 -6.85
N TRP D 82 -19.15 13.68 -7.99
CA TRP D 82 -18.18 14.31 -8.89
C TRP D 82 -17.50 15.48 -8.20
N HIS D 83 -16.21 15.65 -8.48
CA HIS D 83 -15.42 16.72 -7.88
C HIS D 83 -14.07 16.86 -8.60
N ASN D 84 -13.30 17.83 -8.14
CA ASN D 84 -11.98 18.11 -8.64
C ASN D 84 -11.30 18.92 -7.56
N ILE D 85 -9.97 18.89 -7.52
CA ILE D 85 -9.27 19.65 -6.52
C ILE D 85 -8.45 20.75 -7.18
N GLU D 86 -7.99 21.68 -6.36
CA GLU D 86 -7.21 22.82 -6.83
C GLU D 86 -6.14 23.06 -5.78
N ALA D 87 -4.87 23.06 -6.18
CA ALA D 87 -3.77 23.32 -5.25
C ALA D 87 -3.69 24.84 -5.14
N THR D 89 -1.15 26.78 -4.03
CA THR D 89 0.16 27.39 -4.23
C THR D 89 1.06 26.45 -5.03
N ASP D 90 2.27 26.89 -5.35
CA ASP D 90 3.18 26.05 -6.10
C ASP D 90 3.92 25.18 -5.09
N ASP D 91 4.05 25.69 -3.87
CA ASP D 91 4.74 24.97 -2.80
C ASP D 91 3.87 23.89 -2.20
N THR D 92 2.58 23.90 -2.54
CA THR D 92 1.63 22.94 -2.02
C THR D 92 1.88 21.51 -2.46
N TYR D 93 1.77 20.59 -1.51
CA TYR D 93 1.88 19.18 -1.84
C TYR D 93 1.06 18.37 -0.85
N PHE D 94 0.47 17.29 -1.37
CA PHE D 94 -0.44 16.44 -0.59
C PHE D 94 -0.32 15.01 -1.09
N ASN D 95 -1.11 14.13 -0.49
CA ASN D 95 -1.15 12.73 -0.87
C ASN D 95 -2.54 12.21 -0.52
N ILE D 96 -2.95 11.14 -1.19
CA ILE D 96 -4.27 10.58 -0.94
C ILE D 96 -4.20 9.14 -0.47
N ASP D 97 -5.04 8.81 0.50
CA ASP D 97 -5.14 7.46 1.03
C ASP D 97 -6.57 7.00 0.73
N PHE D 98 -6.72 5.74 0.33
CA PHE D 98 -8.03 5.21 0.01
C PHE D 98 -8.45 4.07 0.97
N PHE D 99 -9.69 4.13 1.43
CA PHE D 99 -10.23 3.13 2.35
C PHE D 99 -11.49 2.48 1.83
N VAL D 100 -11.60 1.16 2.04
CA VAL D 100 -12.75 0.39 1.57
C VAL D 100 -13.41 -0.44 2.68
N ALA D 101 -14.70 -0.72 2.51
CA ALA D 101 -15.46 -1.51 3.48
C ALA D 101 -14.79 -2.87 3.74
N PRO D 102 -14.91 -3.40 4.98
CA PRO D 102 -14.29 -4.69 5.29
C PRO D 102 -14.66 -5.80 4.30
N GLU D 103 -13.62 -6.39 3.72
CA GLU D 103 -13.73 -7.46 2.73
C GLU D 103 -14.83 -8.47 3.06
#